data_3N3T
#
_entry.id   3N3T
#
_cell.length_a   51.560
_cell.length_b   63.201
_cell.length_c   173.987
_cell.angle_alpha   90.00
_cell.angle_beta   90.00
_cell.angle_gamma   90.00
#
_symmetry.space_group_name_H-M   'P 21 21 21'
#
loop_
_entity.id
_entity.type
_entity.pdbx_description
1 polymer 'PUTATIVE DIGUANYLATE CYCLASE/PHOSPHODIESTERASE'
2 non-polymer "9,9'-[(2R,3R,3aS,5S,7aR,9R,10R,10aS,12S,14aR)-3,5,10,12-tetrahydroxy-5,12-dioxidooctahydro-2H,7H-difuro[3,2-d:3',2'-j][1,3,7,9,2,8]tetraoxadiphosphacyclododecine-2,9-diyl]bis(2-amino-1,9-dihydro-6H-purin-6-one)"
3 non-polymer 'MAGNESIUM ION'
4 non-polymer 'CHLORIDE ION'
5 water water
#
_entity_poly.entity_id   1
_entity_poly.type   'polypeptide(L)'
_entity_poly.pdbx_seq_one_letter_code
;(MSE)GSSHHHHHHSSGRENLYFQGHERLTLDTRLRQALERNELVLHYQPIVELASGRIVGGEALVRWEDPERGLV
(MSE)PSAFIPAAEDTGLIVALSDWVLEACCTQLRAWQQQGRAADDLTLSVNISTRQFEGEHLTRAVDRALARSGLRPDC
LELEITENV(MSE)LV(MSE)TDEVRTCLDALRARGVRLALDDFGTGYSSLSYLSQLPFHGLKIDQSFVRKIPAHPSETQ
IVTTILALARGLG(MSE)EVVAEGIETAQQYAFLRDRGCEFGQGNL(MSE)STPQAADAFASLLDRQKASGQRPVHGHET
AP
;
_entity_poly.pdbx_strand_id   A,B
#
loop_
_chem_comp.id
_chem_comp.type
_chem_comp.name
_chem_comp.formula
C2E non-polymer 9,9'-[(2R,3R,3aS,5S,7aR,9R,10R,10aS,12S,14aR)-3,5,10,12-tetrahydroxy-5,12-dioxidooctahydro-2H,7H-difuro[3,2-d:3',2'-j][1,3,7,9,2,8]tetraoxadiphosphacyclododecine-2,9-diyl]bis(2-amino-1,9-dihydro-6H-purin-6-one) 'C20 H24 N10 O14 P2'
CL non-polymer 'CHLORIDE ION' 'Cl -1'
MG non-polymer 'MAGNESIUM ION' 'Mg 2'
#
# COMPACT_ATOMS: atom_id res chain seq x y z
N GLU A 23 14.83 -28.82 35.31
CA GLU A 23 15.53 -27.60 35.79
C GLU A 23 16.42 -26.97 34.71
N ARG A 24 15.96 -27.03 33.46
CA ARG A 24 16.59 -26.32 32.34
C ARG A 24 16.47 -24.81 32.57
N LEU A 25 17.43 -24.06 32.07
CA LEU A 25 17.32 -22.59 32.10
C LEU A 25 16.31 -22.14 31.04
N THR A 26 15.61 -21.05 31.32
CA THR A 26 14.68 -20.46 30.35
C THR A 26 15.45 -19.88 29.17
N LEU A 27 14.84 -19.92 27.99
CA LEU A 27 15.44 -19.34 26.81
C LEU A 27 15.93 -17.93 27.12
N ASP A 28 15.16 -17.19 27.92
CA ASP A 28 15.54 -15.85 28.30
C ASP A 28 16.88 -15.80 29.04
N THR A 29 17.08 -16.65 30.03
CA THR A 29 18.36 -16.73 30.74
C THR A 29 19.51 -17.13 29.80
N ARG A 30 19.28 -18.15 28.98
CA ARG A 30 20.31 -18.62 28.03
C ARG A 30 20.64 -17.56 26.99
N LEU A 31 19.66 -16.72 26.64
CA LEU A 31 19.92 -15.62 25.69
C LEU A 31 20.72 -14.50 26.32
N ARG A 32 20.40 -14.13 27.56
CA ARG A 32 21.23 -13.15 28.27
C ARG A 32 22.67 -13.65 28.35
N GLN A 33 22.82 -14.96 28.54
CA GLN A 33 24.12 -15.58 28.70
C GLN A 33 24.88 -15.61 27.39
N ALA A 34 24.17 -15.79 26.27
CA ALA A 34 24.77 -15.75 24.92
C ALA A 34 25.37 -14.40 24.62
N LEU A 35 24.67 -13.33 25.01
CA LEU A 35 25.19 -11.96 24.86
C LEU A 35 26.45 -11.74 25.71
N GLU A 36 26.39 -12.25 26.93
CA GLU A 36 27.41 -12.12 27.95
C GLU A 36 28.67 -12.96 27.63
N ARG A 37 28.50 -14.00 26.81
CA ARG A 37 29.57 -14.94 26.54
C ARG A 37 29.91 -14.92 25.05
N ASN A 38 29.37 -13.94 24.33
CA ASN A 38 29.65 -13.75 22.90
C ASN A 38 29.42 -14.98 22.05
N GLU A 39 28.21 -15.50 22.17
CA GLU A 39 27.79 -16.71 21.46
C GLU A 39 27.03 -16.38 20.19
N LEU A 40 26.52 -15.16 20.06
CA LEU A 40 25.83 -14.76 18.81
C LEU A 40 26.87 -14.60 17.71
N VAL A 41 26.46 -14.78 16.47
CA VAL A 41 27.35 -14.56 15.34
C VAL A 41 26.52 -13.97 14.19
N LEU A 42 27.17 -13.34 13.22
CA LEU A 42 26.48 -12.82 12.08
C LEU A 42 26.90 -13.59 10.85
N HIS A 43 25.91 -13.95 10.02
CA HIS A 43 26.17 -14.33 8.63
C HIS A 43 25.78 -13.19 7.67
N TYR A 44 26.32 -13.21 6.44
CA TYR A 44 26.03 -12.15 5.48
C TYR A 44 25.54 -12.76 4.18
N GLN A 45 24.36 -12.34 3.72
CA GLN A 45 23.97 -12.78 2.39
C GLN A 45 24.22 -11.69 1.33
N PRO A 46 25.01 -12.02 0.29
CA PRO A 46 25.31 -11.04 -0.77
C PRO A 46 24.03 -10.51 -1.40
N ILE A 47 24.03 -9.18 -1.60
CA ILE A 47 23.09 -8.50 -2.48
C ILE A 47 23.80 -8.16 -3.80
N VAL A 48 23.16 -8.53 -4.91
CA VAL A 48 23.76 -8.54 -6.24
C VAL A 48 23.06 -7.57 -7.18
N GLU A 49 23.84 -6.80 -7.95
CA GLU A 49 23.28 -5.92 -8.97
C GLU A 49 22.94 -6.84 -10.15
N LEU A 50 21.66 -7.05 -10.41
CA LEU A 50 21.25 -8.01 -11.45
C LEU A 50 21.94 -7.83 -12.81
N ALA A 51 22.11 -6.59 -13.24
CA ALA A 51 22.67 -6.31 -14.57
C ALA A 51 24.10 -6.85 -14.80
N SER A 52 24.93 -6.81 -13.75
CA SER A 52 26.38 -7.14 -13.87
C SER A 52 26.78 -8.35 -13.03
N GLY A 53 25.94 -8.71 -12.06
CA GLY A 53 26.20 -9.86 -11.19
C GLY A 53 27.19 -9.53 -10.09
N ARG A 54 27.46 -8.23 -9.90
CA ARG A 54 28.40 -7.74 -8.89
C ARG A 54 27.75 -7.66 -7.50
N ILE A 55 28.51 -8.05 -6.48
CA ILE A 55 28.05 -8.01 -5.11
C ILE A 55 28.29 -6.60 -4.66
N VAL A 56 27.21 -5.90 -4.28
CA VAL A 56 27.27 -4.51 -3.90
C VAL A 56 26.84 -4.30 -2.47
N GLY A 57 26.35 -5.35 -1.84
CA GLY A 57 26.04 -5.26 -0.43
C GLY A 57 25.86 -6.67 0.09
N GLY A 58 25.27 -6.74 1.28
CA GLY A 58 25.12 -7.99 1.99
C GLY A 58 24.18 -7.68 3.14
N GLU A 59 23.31 -8.63 3.46
CA GLU A 59 22.39 -8.47 4.57
C GLU A 59 22.96 -9.22 5.75
N ALA A 60 23.06 -8.53 6.88
CA ALA A 60 23.52 -9.16 8.13
C ALA A 60 22.37 -9.99 8.61
N LEU A 61 22.67 -11.23 8.95
CA LEU A 61 21.67 -12.13 9.53
C LEU A 61 22.23 -12.83 10.75
N VAL A 62 21.54 -12.66 11.87
CA VAL A 62 22.05 -13.14 13.14
C VAL A 62 21.76 -14.61 13.39
N ARG A 63 22.69 -15.26 14.08
CA ARG A 63 22.55 -16.66 14.47
C ARG A 63 23.09 -16.80 15.89
N TRP A 64 22.72 -17.89 16.56
CA TRP A 64 23.21 -18.18 17.88
C TRP A 64 24.04 -19.45 17.83
N GLU A 65 25.34 -19.35 18.07
CA GLU A 65 26.16 -20.52 18.10
C GLU A 65 26.08 -21.02 19.53
N ASP A 66 25.10 -21.89 19.71
CA ASP A 66 24.68 -22.35 21.04
C ASP A 66 25.44 -23.60 21.38
N PRO A 67 26.24 -23.59 22.46
CA PRO A 67 27.03 -24.76 22.82
C PRO A 67 26.22 -26.06 23.00
N GLU A 68 24.95 -25.95 23.41
CA GLU A 68 24.12 -27.15 23.54
C GLU A 68 23.52 -27.67 22.22
N ARG A 69 23.47 -26.82 21.20
CA ARG A 69 22.74 -27.17 19.98
C ARG A 69 23.49 -26.94 18.69
N GLY A 70 24.49 -26.05 18.68
CA GLY A 70 25.10 -25.67 17.39
C GLY A 70 24.43 -24.43 16.82
N LEU A 71 24.44 -24.28 15.50
CA LEU A 71 24.05 -23.01 14.85
C LEU A 71 22.52 -22.83 14.76
N VAL A 72 21.98 -22.13 15.74
CA VAL A 72 20.55 -21.94 15.89
C VAL A 72 20.07 -20.71 15.10
N MSE A 73 19.01 -20.88 14.31
CA MSE A 73 18.51 -19.80 13.46
C MSE A 73 17.72 -18.77 14.23
O MSE A 73 17.19 -19.05 15.30
CB MSE A 73 17.68 -20.37 12.31
CG MSE A 73 18.49 -21.28 11.34
SE MSE A 73 19.81 -20.31 10.35
CE MSE A 73 18.66 -19.66 8.99
N PRO A 74 17.65 -17.55 13.69
CA PRO A 74 16.92 -16.45 14.34
C PRO A 74 15.46 -16.81 14.67
N SER A 75 14.79 -17.63 13.86
CA SER A 75 13.38 -17.98 14.16
C SER A 75 13.15 -18.65 15.54
N ALA A 76 14.19 -19.26 16.10
CA ALA A 76 14.11 -19.94 17.41
C ALA A 76 14.45 -19.03 18.61
N PHE A 77 14.86 -17.78 18.35
CA PHE A 77 15.06 -16.84 19.48
C PHE A 77 14.60 -15.39 19.26
N ILE A 78 14.61 -14.91 18.02
CA ILE A 78 14.27 -13.51 17.76
C ILE A 78 12.81 -13.25 18.11
N PRO A 79 11.88 -14.17 17.76
CA PRO A 79 10.50 -13.90 18.20
C PRO A 79 10.33 -13.90 19.72
N ALA A 80 11.12 -14.71 20.41
CA ALA A 80 11.02 -14.81 21.88
C ALA A 80 11.64 -13.57 22.50
N ALA A 81 12.72 -13.07 21.89
CA ALA A 81 13.38 -11.84 22.34
C ALA A 81 12.49 -10.61 22.11
N GLU A 82 11.61 -10.67 21.11
CA GLU A 82 10.71 -9.58 20.84
C GLU A 82 9.60 -9.44 21.88
N ASP A 83 9.22 -10.56 22.49
CA ASP A 83 8.14 -10.57 23.47
C ASP A 83 8.62 -9.98 24.77
N THR A 84 9.92 -10.09 25.02
CA THR A 84 10.49 -9.79 26.34
C THR A 84 11.28 -8.46 26.43
N GLY A 85 11.50 -7.84 25.26
CA GLY A 85 12.27 -6.59 25.15
C GLY A 85 13.78 -6.79 25.10
N LEU A 86 14.22 -8.05 25.22
CA LEU A 86 15.63 -8.40 25.09
C LEU A 86 16.09 -8.19 23.64
N ILE A 87 15.14 -8.11 22.72
CA ILE A 87 15.42 -7.76 21.34
C ILE A 87 16.25 -6.45 21.22
N VAL A 88 15.93 -5.47 22.06
CA VAL A 88 16.66 -4.20 22.08
C VAL A 88 18.16 -4.40 22.29
N ALA A 89 18.56 -5.05 23.38
CA ALA A 89 19.97 -5.34 23.67
C ALA A 89 20.64 -6.16 22.55
N LEU A 90 19.85 -7.05 21.98
CA LEU A 90 20.31 -7.96 20.97
C LEU A 90 20.56 -7.27 19.62
N SER A 91 19.66 -6.39 19.25
CA SER A 91 19.82 -5.55 18.07
C SER A 91 20.95 -4.59 18.22
N ASP A 92 21.15 -4.05 19.41
CA ASP A 92 22.32 -3.20 19.61
C ASP A 92 23.61 -3.99 19.31
N TRP A 93 23.70 -5.23 19.78
CA TRP A 93 24.84 -6.09 19.49
C TRP A 93 25.02 -6.24 17.97
N VAL A 94 23.91 -6.45 17.27
CA VAL A 94 23.93 -6.75 15.85
C VAL A 94 24.43 -5.54 15.07
N LEU A 95 23.83 -4.40 15.36
CA LEU A 95 24.25 -3.12 14.75
C LEU A 95 25.72 -2.93 14.91
N GLU A 96 26.19 -3.02 16.15
CA GLU A 96 27.60 -2.85 16.42
C GLU A 96 28.48 -3.88 15.73
N ALA A 97 28.16 -5.17 15.83
CA ALA A 97 28.98 -6.19 15.15
C ALA A 97 29.01 -5.97 13.62
N CYS A 98 27.86 -5.62 13.07
CA CYS A 98 27.76 -5.46 11.63
C CYS A 98 28.65 -4.33 11.19
N CYS A 99 28.52 -3.18 11.84
CA CYS A 99 29.35 -2.01 11.52
C CYS A 99 30.84 -2.28 11.75
N THR A 100 31.16 -2.92 12.89
CA THR A 100 32.54 -3.29 13.17
C THR A 100 33.09 -4.10 12.00
N GLN A 101 32.27 -4.97 11.42
CA GLN A 101 32.78 -5.95 10.47
C GLN A 101 33.06 -5.29 9.14
N LEU A 102 32.15 -4.41 8.70
CA LEU A 102 32.35 -3.70 7.43
C LEU A 102 33.59 -2.83 7.53
N ARG A 103 33.77 -2.23 8.69
CA ARG A 103 34.96 -1.42 8.96
C ARG A 103 36.26 -2.23 8.89
N ALA A 104 36.23 -3.47 9.36
CA ALA A 104 37.40 -4.35 9.27
C ALA A 104 37.74 -4.67 7.81
N TRP A 105 36.75 -5.10 7.05
CA TRP A 105 36.94 -5.38 5.64
C TRP A 105 37.45 -4.16 4.83
N GLN A 106 36.90 -2.99 5.11
CA GLN A 106 37.37 -1.74 4.48
C GLN A 106 38.86 -1.51 4.75
N GLN A 107 39.18 -1.68 6.02
CA GLN A 107 40.50 -1.47 6.60
C GLN A 107 41.50 -2.53 6.09
N GLN A 108 41.05 -3.77 5.88
CA GLN A 108 41.88 -4.83 5.28
C GLN A 108 42.02 -4.63 3.78
N GLY A 109 41.25 -3.71 3.20
CA GLY A 109 41.31 -3.43 1.76
C GLY A 109 40.37 -4.33 0.97
N ARG A 110 39.53 -5.09 1.65
CA ARG A 110 38.71 -6.08 0.96
C ARG A 110 37.31 -5.61 0.53
N ALA A 111 36.80 -4.56 1.16
CA ALA A 111 35.54 -3.98 0.76
C ALA A 111 35.72 -2.78 -0.20
N ALA A 112 35.04 -2.83 -1.33
CA ALA A 112 35.06 -1.68 -2.22
C ALA A 112 34.28 -0.48 -1.64
N ASP A 113 34.52 0.68 -2.26
CA ASP A 113 33.91 1.94 -1.87
C ASP A 113 32.38 1.82 -1.88
N ASP A 114 31.85 1.01 -2.79
CA ASP A 114 30.40 0.81 -2.96
C ASP A 114 29.74 -0.26 -2.05
N LEU A 115 30.51 -0.98 -1.25
CA LEU A 115 29.91 -2.02 -0.40
C LEU A 115 29.20 -1.40 0.79
N THR A 116 27.90 -1.71 0.93
CA THR A 116 27.15 -1.48 2.16
C THR A 116 26.81 -2.80 2.85
N LEU A 117 26.34 -2.75 4.08
CA LEU A 117 25.71 -3.89 4.73
C LEU A 117 24.40 -3.40 5.37
N SER A 118 23.39 -4.28 5.38
CA SER A 118 22.08 -3.98 5.95
C SER A 118 21.77 -4.74 7.22
N VAL A 119 20.97 -4.16 8.09
CA VAL A 119 20.65 -4.77 9.35
C VAL A 119 19.13 -4.72 9.54
N ASN A 120 18.52 -5.86 9.86
CA ASN A 120 17.11 -5.91 10.17
C ASN A 120 16.84 -5.24 11.50
N ILE A 121 15.89 -4.32 11.49
CA ILE A 121 15.50 -3.61 12.67
C ILE A 121 14.07 -4.00 13.04
N SER A 122 13.84 -4.40 14.27
CA SER A 122 12.49 -4.64 14.77
C SER A 122 11.77 -3.31 15.05
N THR A 123 10.46 -3.25 14.84
CA THR A 123 9.68 -2.04 15.18
C THR A 123 9.80 -1.66 16.68
N ARG A 124 10.00 -2.67 17.52
CA ARG A 124 10.31 -2.51 18.95
C ARG A 124 11.42 -1.49 19.30
N GLN A 125 12.37 -1.30 18.39
CA GLN A 125 13.47 -0.38 18.65
C GLN A 125 13.13 1.11 18.55
N PHE A 126 11.87 1.43 18.27
CA PHE A 126 11.47 2.84 18.16
C PHE A 126 11.03 3.42 19.50
N GLU A 127 10.60 2.55 20.43
CA GLU A 127 10.18 3.03 21.74
C GLU A 127 11.32 3.86 22.34
N GLY A 128 10.98 5.09 22.73
CA GLY A 128 11.91 6.02 23.36
C GLY A 128 13.03 6.49 22.46
N GLU A 129 12.79 6.51 21.15
CA GLU A 129 13.80 6.91 20.15
C GLU A 129 15.13 6.19 20.35
N HIS A 130 15.04 4.96 20.86
CA HIS A 130 16.24 4.17 21.08
C HIS A 130 17.03 3.91 19.79
N LEU A 131 16.35 3.66 18.67
CA LEU A 131 17.02 3.40 17.40
C LEU A 131 18.10 4.44 17.04
N THR A 132 17.77 5.72 17.12
CA THR A 132 18.73 6.80 16.84
C THR A 132 20.02 6.67 17.67
N ARG A 133 19.85 6.42 18.97
CA ARG A 133 20.99 6.33 19.85
C ARG A 133 21.82 5.11 19.53
N ALA A 134 21.14 3.99 19.24
CA ALA A 134 21.79 2.73 18.98
C ALA A 134 22.58 2.76 17.68
N VAL A 135 22.08 3.50 16.68
CA VAL A 135 22.81 3.71 15.44
C VAL A 135 24.03 4.65 15.68
N ASP A 136 23.82 5.77 16.35
CA ASP A 136 24.92 6.68 16.72
C ASP A 136 26.10 5.96 17.40
N ARG A 137 25.76 5.13 18.38
CA ARG A 137 26.71 4.37 19.19
C ARG A 137 27.49 3.33 18.37
N ALA A 138 26.78 2.64 17.48
CA ALA A 138 27.39 1.63 16.62
C ALA A 138 28.32 2.24 15.59
N LEU A 139 27.91 3.37 15.01
CA LEU A 139 28.78 4.10 14.09
C LEU A 139 29.97 4.72 14.85
N ALA A 140 29.71 5.24 16.05
CA ALA A 140 30.78 5.89 16.86
C ALA A 140 31.82 4.87 17.31
N ARG A 141 31.37 3.65 17.61
CA ARG A 141 32.28 2.60 18.08
C ARG A 141 33.13 1.99 16.98
N SER A 142 32.60 1.96 15.77
CA SER A 142 33.25 1.27 14.66
C SER A 142 33.96 2.25 13.78
N GLY A 143 33.43 3.49 13.73
CA GLY A 143 33.99 4.54 12.88
C GLY A 143 33.44 4.46 11.45
N LEU A 144 32.49 3.56 11.23
CA LEU A 144 31.85 3.36 9.94
C LEU A 144 31.11 4.61 9.46
N ARG A 145 31.30 4.97 8.21
CA ARG A 145 30.55 6.09 7.64
C ARG A 145 29.07 5.74 7.53
N PRO A 146 28.16 6.67 7.94
CA PRO A 146 26.71 6.34 7.98
C PRO A 146 26.19 5.85 6.64
N ASP A 147 26.76 6.42 5.59
CA ASP A 147 26.52 6.08 4.21
C ASP A 147 26.59 4.59 3.90
N CYS A 148 27.41 3.85 4.66
CA CYS A 148 27.73 2.44 4.36
C CYS A 148 26.80 1.49 5.08
N LEU A 149 25.85 2.02 5.85
CA LEU A 149 24.94 1.19 6.61
C LEU A 149 23.52 1.42 6.14
N GLU A 150 22.79 0.34 5.90
CA GLU A 150 21.38 0.40 5.46
C GLU A 150 20.55 -0.31 6.54
N LEU A 151 19.35 0.17 6.78
CA LEU A 151 18.47 -0.50 7.75
C LEU A 151 17.24 -1.07 7.06
N GLU A 152 16.88 -2.32 7.36
CA GLU A 152 15.68 -2.95 6.83
C GLU A 152 14.60 -3.04 7.90
N ILE A 153 13.43 -2.51 7.60
CA ILE A 153 12.32 -2.54 8.54
C ILE A 153 11.13 -3.16 7.83
N THR A 154 10.36 -3.94 8.56
CA THR A 154 9.29 -4.66 7.91
C THR A 154 8.24 -3.68 7.38
N GLU A 155 7.57 -4.05 6.30
CA GLU A 155 6.57 -3.22 5.66
C GLU A 155 5.53 -2.66 6.67
N ASN A 156 5.10 -3.50 7.61
CA ASN A 156 4.05 -3.10 8.57
C ASN A 156 4.41 -2.03 9.57
N VAL A 157 5.63 -1.50 9.50
CA VAL A 157 5.94 -0.29 10.28
C VAL A 157 4.96 0.83 9.92
N MSE A 158 4.35 0.74 8.73
CA MSE A 158 3.46 1.79 8.23
C MSE A 158 2.12 1.86 8.91
O MSE A 158 1.47 2.90 8.86
CB MSE A 158 3.32 1.71 6.71
CG MSE A 158 4.39 2.58 6.10
SE MSE A 158 4.31 2.65 4.23
CE MSE A 158 4.99 0.90 3.93
N LEU A 159 1.71 0.76 9.52
CA LEU A 159 0.53 0.71 10.38
C LEU A 159 0.78 1.27 11.80
N VAL A 160 2.05 1.41 12.21
CA VAL A 160 2.38 2.02 13.50
C VAL A 160 3.21 3.29 13.33
N MSE A 161 2.87 4.09 12.33
CA MSE A 161 3.66 5.25 11.94
C MSE A 161 3.33 6.46 12.81
O MSE A 161 2.47 7.25 12.44
CB MSE A 161 3.44 5.55 10.45
CG MSE A 161 4.30 6.65 9.86
SE MSE A 161 6.17 6.38 10.17
CE MSE A 161 6.30 4.61 9.36
N THR A 162 3.98 6.60 13.96
CA THR A 162 3.74 7.74 14.85
C THR A 162 4.82 8.83 14.72
N ASP A 163 4.52 10.05 15.22
CA ASP A 163 5.53 11.14 15.33
C ASP A 163 6.90 10.59 15.75
N GLU A 164 6.94 9.94 16.92
CA GLU A 164 8.10 9.18 17.40
C GLU A 164 8.84 8.40 16.29
N VAL A 165 8.10 7.60 15.53
CA VAL A 165 8.72 6.78 14.47
C VAL A 165 9.18 7.67 13.32
N ARG A 166 8.35 8.66 12.95
CA ARG A 166 8.67 9.55 11.84
C ARG A 166 9.91 10.37 12.12
N THR A 167 10.17 10.63 13.39
CA THR A 167 11.34 11.37 13.85
C THR A 167 12.66 10.54 13.79
N CYS A 168 12.62 9.26 14.17
CA CYS A 168 13.79 8.40 14.03
C CYS A 168 14.20 8.32 12.57
N LEU A 169 13.22 8.10 11.70
CA LEU A 169 13.43 7.93 10.28
C LEU A 169 13.99 9.19 9.63
N ASP A 170 13.41 10.35 9.93
CA ASP A 170 13.94 11.59 9.37
C ASP A 170 15.35 11.83 9.91
N ALA A 171 15.56 11.59 11.20
CA ALA A 171 16.88 11.68 11.80
C ALA A 171 17.92 10.81 11.08
N LEU A 172 17.57 9.55 10.86
CA LEU A 172 18.48 8.59 10.24
C LEU A 172 18.82 8.91 8.77
N ARG A 173 17.82 9.25 7.97
CA ARG A 173 18.02 9.77 6.62
C ARG A 173 18.94 10.98 6.59
N ALA A 174 18.78 11.90 7.54
CA ALA A 174 19.63 13.11 7.64
C ALA A 174 21.09 12.73 7.93
N ARG A 175 21.29 11.66 8.71
N ARG A 175 21.26 11.65 8.70
CA ARG A 175 22.65 11.17 8.95
CA ARG A 175 22.56 11.06 9.01
C ARG A 175 23.26 10.62 7.65
C ARG A 175 23.23 10.51 7.75
N GLY A 176 22.42 10.04 6.80
CA GLY A 176 22.90 9.47 5.54
C GLY A 176 22.73 7.94 5.53
N VAL A 177 22.12 7.42 6.59
CA VAL A 177 21.76 6.03 6.67
C VAL A 177 20.57 5.65 5.76
N ARG A 178 20.81 4.74 4.81
CA ARG A 178 19.77 4.29 3.90
C ARG A 178 18.80 3.36 4.60
N LEU A 179 17.52 3.48 4.26
CA LEU A 179 16.44 2.69 4.84
C LEU A 179 15.69 1.92 3.76
N ALA A 180 15.33 0.67 4.04
CA ALA A 180 14.56 -0.11 3.09
C ALA A 180 13.41 -0.80 3.80
N LEU A 181 12.32 -1.03 3.05
CA LEU A 181 11.16 -1.78 3.53
C LEU A 181 11.29 -3.25 3.17
N ASP A 182 11.29 -4.08 4.21
CA ASP A 182 11.53 -5.51 4.11
C ASP A 182 10.19 -6.24 4.06
N ASP A 183 10.20 -7.45 3.50
CA ASP A 183 9.03 -8.33 3.44
C ASP A 183 7.93 -7.73 2.56
N PHE A 184 8.33 -6.88 1.64
CA PHE A 184 7.35 -6.10 0.93
C PHE A 184 6.36 -6.96 0.17
N GLY A 185 5.08 -6.59 0.26
CA GLY A 185 3.98 -7.33 -0.37
C GLY A 185 3.24 -8.23 0.61
N THR A 186 3.86 -8.50 1.76
CA THR A 186 3.23 -9.32 2.81
C THR A 186 2.55 -8.45 3.86
N GLY A 187 2.82 -7.15 3.81
CA GLY A 187 2.17 -6.20 4.70
C GLY A 187 1.26 -5.19 3.99
N TYR A 188 1.34 -3.95 4.46
CA TYR A 188 0.41 -2.91 4.08
C TYR A 188 1.16 -1.60 3.97
N SER A 189 0.76 -0.80 2.99
CA SER A 189 1.45 0.41 2.68
C SER A 189 0.46 1.49 2.39
N SER A 190 0.83 2.72 2.77
CA SER A 190 0.18 3.94 2.32
C SER A 190 0.97 4.52 1.17
N LEU A 191 0.31 4.78 0.04
CA LEU A 191 1.02 5.37 -1.08
C LEU A 191 1.56 6.73 -0.75
N SER A 192 0.78 7.53 -0.01
CA SER A 192 1.24 8.86 0.36
C SER A 192 2.47 8.83 1.26
N TYR A 193 2.51 7.91 2.23
CA TYR A 193 3.72 7.67 3.03
C TYR A 193 4.92 7.29 2.15
N LEU A 194 4.79 6.23 1.36
CA LEU A 194 5.88 5.78 0.50
C LEU A 194 6.47 6.92 -0.31
N SER A 195 5.60 7.80 -0.79
CA SER A 195 6.08 8.98 -1.45
C SER A 195 6.73 10.00 -0.49
N GLN A 196 6.33 10.01 0.78
CA GLN A 196 6.79 11.05 1.73
C GLN A 196 7.88 10.57 2.70
N LEU A 197 7.80 9.29 3.12
CA LEU A 197 8.79 8.69 4.04
C LEU A 197 10.15 8.48 3.38
N PRO A 198 11.20 8.49 4.20
CA PRO A 198 12.52 8.43 3.56
C PRO A 198 12.99 7.01 3.27
N PHE A 199 12.11 6.14 2.78
CA PHE A 199 12.54 4.81 2.33
C PHE A 199 13.07 4.84 0.90
N HIS A 200 14.35 4.57 0.74
N HIS A 200 14.35 4.57 0.72
CA HIS A 200 14.99 4.59 -0.57
CA HIS A 200 14.94 4.61 -0.62
C HIS A 200 14.66 3.36 -1.40
C HIS A 200 14.68 3.34 -1.42
N GLY A 201 14.36 2.25 -0.73
CA GLY A 201 14.14 0.96 -1.39
C GLY A 201 13.18 0.02 -0.71
N LEU A 202 12.80 -1.04 -1.40
CA LEU A 202 11.99 -2.07 -0.77
C LEU A 202 12.53 -3.41 -1.19
N LYS A 203 12.18 -4.43 -0.40
CA LYS A 203 12.60 -5.79 -0.66
C LYS A 203 11.37 -6.63 -0.88
N ILE A 204 11.23 -7.11 -2.12
CA ILE A 204 10.12 -8.01 -2.47
C ILE A 204 10.30 -9.32 -1.71
N ASP A 205 9.27 -9.68 -0.95
CA ASP A 205 9.33 -10.87 -0.13
C ASP A 205 9.64 -12.14 -0.90
N GLN A 206 10.45 -12.99 -0.26
CA GLN A 206 10.80 -14.33 -0.77
C GLN A 206 9.57 -15.19 -1.12
N SER A 207 8.48 -15.03 -0.40
CA SER A 207 7.31 -15.89 -0.67
C SER A 207 6.69 -15.69 -2.04
N PHE A 208 6.87 -14.51 -2.60
CA PHE A 208 6.38 -14.23 -3.94
C PHE A 208 7.36 -14.64 -5.00
N VAL A 209 8.64 -14.35 -4.79
CA VAL A 209 9.70 -14.60 -5.79
C VAL A 209 9.94 -16.05 -6.14
N ARG A 210 9.98 -16.96 -5.15
CA ARG A 210 10.33 -18.36 -5.45
C ARG A 210 9.26 -19.05 -6.26
N LYS A 211 8.15 -18.34 -6.50
CA LYS A 211 7.00 -18.90 -7.19
C LYS A 211 6.81 -18.36 -8.61
N ILE A 212 7.72 -17.50 -9.04
CA ILE A 212 7.54 -16.88 -10.33
C ILE A 212 8.47 -17.55 -11.30
N PRO A 213 8.17 -17.48 -12.60
CA PRO A 213 6.86 -17.13 -13.15
C PRO A 213 5.81 -18.28 -13.16
N ALA A 214 6.19 -19.48 -12.73
CA ALA A 214 5.28 -20.62 -12.78
C ALA A 214 3.87 -20.30 -12.26
N HIS A 215 3.78 -19.64 -11.11
CA HIS A 215 2.49 -19.28 -10.48
C HIS A 215 2.10 -17.88 -10.91
N PRO A 216 1.01 -17.75 -11.69
CA PRO A 216 0.64 -16.46 -12.26
C PRO A 216 0.22 -15.41 -11.22
N SER A 217 -0.35 -15.83 -10.10
CA SER A 217 -0.74 -14.91 -9.04
C SER A 217 0.45 -14.19 -8.38
N GLU A 218 1.39 -14.96 -7.84
CA GLU A 218 2.61 -14.38 -7.26
C GLU A 218 3.43 -13.59 -8.29
N THR A 219 3.31 -13.94 -9.57
CA THR A 219 4.00 -13.18 -10.60
C THR A 219 3.37 -11.79 -10.78
N GLN A 220 2.04 -11.74 -10.75
CA GLN A 220 1.35 -10.48 -10.87
C GLN A 220 1.68 -9.61 -9.67
N ILE A 221 1.72 -10.20 -8.50
CA ILE A 221 2.14 -9.45 -7.31
C ILE A 221 3.54 -8.84 -7.49
N VAL A 222 4.51 -9.61 -7.95
CA VAL A 222 5.84 -9.05 -8.25
C VAL A 222 5.82 -7.95 -9.31
N THR A 223 5.02 -8.12 -10.36
CA THR A 223 4.90 -7.11 -11.45
C THR A 223 4.32 -5.79 -10.88
N THR A 224 3.30 -5.92 -10.05
CA THR A 224 2.68 -4.76 -9.40
C THR A 224 3.68 -4.01 -8.54
N ILE A 225 4.41 -4.76 -7.72
CA ILE A 225 5.38 -4.15 -6.82
C ILE A 225 6.47 -3.46 -7.59
N LEU A 226 6.98 -4.09 -8.65
CA LEU A 226 7.97 -3.43 -9.50
C LEU A 226 7.46 -2.13 -10.07
N ALA A 227 6.20 -2.10 -10.50
CA ALA A 227 5.61 -0.88 -11.08
C ALA A 227 5.45 0.17 -10.00
N LEU A 228 5.06 -0.24 -8.78
CA LEU A 228 4.96 0.70 -7.67
C LEU A 228 6.28 1.44 -7.38
N ALA A 229 7.34 0.65 -7.18
CA ALA A 229 8.67 1.15 -6.93
C ALA A 229 9.22 2.02 -8.06
N ARG A 230 9.05 1.58 -9.29
CA ARG A 230 9.53 2.37 -10.43
C ARG A 230 8.80 3.71 -10.44
N GLY A 231 7.49 3.69 -10.22
CA GLY A 231 6.68 4.93 -10.21
C GLY A 231 7.15 5.91 -9.15
N LEU A 232 7.56 5.40 -7.99
CA LEU A 232 8.03 6.25 -6.90
C LEU A 232 9.55 6.46 -6.83
N GLY A 233 10.29 5.93 -7.79
CA GLY A 233 11.73 6.14 -7.83
C GLY A 233 12.40 5.46 -6.66
N MSE A 234 11.91 4.27 -6.30
CA MSE A 234 12.47 3.47 -5.22
C MSE A 234 13.24 2.32 -5.81
O MSE A 234 12.83 1.77 -6.84
CB MSE A 234 11.38 2.93 -4.28
CG MSE A 234 10.69 4.01 -3.44
SE MSE A 234 9.17 3.28 -2.46
CE MSE A 234 10.24 2.31 -1.20
N GLU A 235 14.36 1.94 -5.17
CA GLU A 235 15.13 0.76 -5.57
C GLU A 235 14.45 -0.51 -5.06
N VAL A 236 14.73 -1.62 -5.71
CA VAL A 236 14.14 -2.90 -5.38
C VAL A 236 15.19 -3.98 -5.19
N VAL A 237 15.14 -4.64 -4.04
CA VAL A 237 15.81 -5.93 -3.89
C VAL A 237 14.78 -7.06 -3.94
N ALA A 238 14.93 -7.92 -4.94
CA ALA A 238 14.19 -9.19 -4.98
C ALA A 238 14.85 -10.27 -4.08
N GLU A 239 14.17 -10.65 -3.00
CA GLU A 239 14.66 -11.66 -2.05
C GLU A 239 14.26 -13.05 -2.53
N GLY A 240 15.09 -14.06 -2.27
CA GLY A 240 14.68 -15.44 -2.52
C GLY A 240 14.81 -15.92 -3.94
N ILE A 241 15.73 -15.35 -4.72
CA ILE A 241 15.93 -15.80 -6.08
C ILE A 241 16.56 -17.19 -6.03
N GLU A 242 15.84 -18.18 -6.53
CA GLU A 242 16.29 -19.55 -6.43
C GLU A 242 16.67 -20.12 -7.77
N THR A 243 16.22 -19.52 -8.86
CA THR A 243 16.47 -20.08 -10.18
C THR A 243 16.91 -18.98 -11.13
N ALA A 244 17.62 -19.39 -12.17
CA ALA A 244 18.06 -18.54 -13.26
C ALA A 244 16.89 -17.83 -13.97
N GLN A 245 15.79 -18.55 -14.18
CA GLN A 245 14.63 -17.98 -14.86
C GLN A 245 14.04 -16.81 -14.07
N GLN A 246 14.03 -16.95 -12.75
CA GLN A 246 13.58 -15.91 -11.84
C GLN A 246 14.51 -14.69 -11.95
N TYR A 247 15.82 -14.94 -11.94
CA TYR A 247 16.82 -13.88 -12.12
C TYR A 247 16.62 -13.13 -13.45
N ALA A 248 16.40 -13.86 -14.55
CA ALA A 248 16.16 -13.18 -15.87
C ALA A 248 14.82 -12.43 -15.93
N PHE A 249 13.82 -12.99 -15.27
CA PHE A 249 12.52 -12.34 -15.19
C PHE A 249 12.64 -10.97 -14.53
N LEU A 250 13.43 -10.89 -13.47
CA LEU A 250 13.53 -9.67 -12.71
C LEU A 250 14.48 -8.69 -13.39
N ARG A 251 15.60 -9.19 -13.90
CA ARG A 251 16.56 -8.39 -14.64
C ARG A 251 15.84 -7.64 -15.77
N ASP A 252 15.09 -8.39 -16.59
CA ASP A 252 14.40 -7.84 -17.77
C ASP A 252 13.31 -6.82 -17.45
N ARG A 253 12.77 -6.87 -16.24
CA ARG A 253 11.72 -5.94 -15.82
C ARG A 253 12.24 -4.77 -15.01
N GLY A 254 13.56 -4.58 -15.05
CA GLY A 254 14.21 -3.44 -14.41
C GLY A 254 14.43 -3.56 -12.90
N CYS A 255 14.23 -4.74 -12.34
CA CYS A 255 14.56 -4.91 -10.91
C CYS A 255 16.09 -4.78 -10.75
N GLU A 256 16.55 -3.83 -9.93
CA GLU A 256 17.97 -3.47 -9.92
C GLU A 256 18.84 -4.51 -9.17
N PHE A 257 18.35 -4.95 -8.02
CA PHE A 257 19.12 -5.77 -7.09
C PHE A 257 18.44 -7.10 -6.73
N GLY A 258 19.25 -8.08 -6.39
CA GLY A 258 18.72 -9.37 -5.98
C GLY A 258 19.51 -9.98 -4.85
N GLN A 259 18.90 -10.97 -4.24
CA GLN A 259 19.42 -11.68 -3.08
C GLN A 259 18.77 -13.08 -3.12
N GLY A 260 19.55 -14.14 -2.98
CA GLY A 260 18.94 -15.45 -2.82
C GLY A 260 19.89 -16.59 -3.06
N ASN A 261 19.44 -17.79 -2.72
CA ASN A 261 20.22 -19.00 -2.85
C ASN A 261 20.85 -19.27 -4.21
N LEU A 262 20.27 -18.80 -5.29
CA LEU A 262 20.88 -19.03 -6.61
C LEU A 262 22.31 -18.49 -6.63
N MSE A 263 22.48 -17.32 -6.01
CA MSE A 263 23.74 -16.60 -6.12
C MSE A 263 24.61 -16.98 -4.93
O MSE A 263 25.80 -17.23 -5.11
CB MSE A 263 23.48 -15.09 -6.18
CG MSE A 263 22.74 -14.61 -7.46
SE MSE A 263 20.84 -14.48 -7.18
CE MSE A 263 20.88 -12.78 -6.33
N SER A 264 24.02 -17.06 -3.75
CA SER A 264 24.76 -17.30 -2.55
C SER A 264 23.86 -17.32 -1.34
N THR A 265 24.01 -18.36 -0.53
CA THR A 265 23.34 -18.46 0.75
C THR A 265 24.05 -17.54 1.75
N PRO A 266 23.42 -17.26 2.92
CA PRO A 266 24.13 -16.51 3.96
C PRO A 266 25.45 -17.19 4.25
N GLN A 267 26.51 -16.39 4.45
CA GLN A 267 27.90 -16.88 4.59
C GLN A 267 28.49 -16.33 5.91
N ALA A 268 29.30 -17.13 6.59
CA ALA A 268 30.13 -16.65 7.68
C ALA A 268 31.07 -15.60 7.12
N ALA A 269 31.49 -14.69 8.00
CA ALA A 269 32.31 -13.54 7.65
C ALA A 269 33.48 -13.86 6.72
N ASP A 270 34.26 -14.89 7.04
CA ASP A 270 35.46 -15.25 6.27
C ASP A 270 35.11 -15.69 4.84
N ALA A 271 34.06 -16.51 4.71
CA ALA A 271 33.50 -16.99 3.42
C ALA A 271 32.93 -15.86 2.59
N PHE A 272 32.26 -14.92 3.25
CA PHE A 272 31.84 -13.67 2.62
C PHE A 272 33.05 -12.85 2.12
N ALA A 273 34.00 -12.64 3.03
CA ALA A 273 35.23 -11.95 2.72
C ALA A 273 35.90 -12.57 1.46
N SER A 274 35.96 -13.91 1.38
CA SER A 274 36.52 -14.56 0.18
C SER A 274 35.73 -14.24 -1.08
N LEU A 275 34.41 -14.08 -0.95
CA LEU A 275 33.59 -13.70 -2.10
C LEU A 275 34.03 -12.34 -2.63
N LEU A 276 34.24 -11.40 -1.73
CA LEU A 276 34.69 -10.07 -2.09
C LEU A 276 36.08 -10.12 -2.73
N ASP A 277 36.95 -11.01 -2.24
CA ASP A 277 38.32 -11.15 -2.77
C ASP A 277 38.29 -11.64 -4.19
N ARG A 278 37.46 -12.66 -4.43
N ARG A 278 37.44 -12.65 -4.43
CA ARG A 278 37.30 -13.25 -5.74
CA ARG A 278 37.25 -13.28 -5.73
C ARG A 278 36.86 -12.20 -6.76
C ARG A 278 36.71 -12.33 -6.82
N GLN A 279 35.82 -11.41 -6.45
CA GLN A 279 35.29 -10.44 -7.42
C GLN A 279 36.26 -9.28 -7.63
N LYS A 280 37.00 -8.93 -6.58
CA LYS A 280 38.07 -7.93 -6.67
C LYS A 280 39.16 -8.34 -7.65
N ALA A 281 39.46 -9.64 -7.71
CA ALA A 281 40.44 -10.15 -8.64
C ALA A 281 39.87 -10.25 -10.06
N SER A 282 38.62 -9.80 -10.22
CA SER A 282 37.92 -9.67 -11.53
C SER A 282 38.24 -10.76 -12.55
N HIS B 22 -22.97 11.82 24.08
CA HIS B 22 -24.19 12.60 24.47
C HIS B 22 -24.81 13.35 23.26
N GLU B 23 -24.12 14.40 22.77
CA GLU B 23 -24.53 15.15 21.57
C GLU B 23 -24.42 14.30 20.30
N ARG B 24 -23.56 13.29 20.36
CA ARG B 24 -23.39 12.30 19.28
C ARG B 24 -24.62 11.37 19.14
N LEU B 25 -25.15 10.90 20.26
CA LEU B 25 -26.31 10.02 20.30
C LEU B 25 -27.50 10.63 19.55
N THR B 26 -27.70 11.94 19.76
CA THR B 26 -28.79 12.69 19.13
C THR B 26 -28.50 13.03 17.65
N LEU B 27 -27.22 13.16 17.29
CA LEU B 27 -26.86 13.28 15.86
C LEU B 27 -27.31 12.01 15.11
N ASP B 28 -27.03 10.84 15.69
CA ASP B 28 -27.45 9.54 15.17
C ASP B 28 -28.97 9.37 15.10
N THR B 29 -29.65 9.57 16.24
CA THR B 29 -31.12 9.64 16.35
C THR B 29 -31.81 10.49 15.27
N ARG B 30 -31.31 11.69 15.04
CA ARG B 30 -31.90 12.57 14.04
C ARG B 30 -31.68 11.95 12.66
N LEU B 31 -30.46 11.52 12.39
CA LEU B 31 -30.16 10.90 11.11
C LEU B 31 -31.10 9.71 10.85
N ARG B 32 -31.32 8.90 11.88
CA ARG B 32 -32.29 7.85 11.82
C ARG B 32 -33.68 8.37 11.48
N GLN B 33 -34.09 9.48 12.07
CA GLN B 33 -35.38 10.05 11.74
C GLN B 33 -35.40 10.54 10.26
N ALA B 34 -34.30 11.09 9.78
CA ALA B 34 -34.22 11.46 8.36
C ALA B 34 -34.49 10.27 7.41
N LEU B 35 -34.03 9.07 7.77
CA LEU B 35 -34.31 7.87 6.99
C LEU B 35 -35.77 7.49 7.12
N GLU B 36 -36.30 7.70 8.31
CA GLU B 36 -37.64 7.36 8.64
C GLU B 36 -38.59 8.16 7.75
N ARG B 37 -38.30 9.44 7.63
CA ARG B 37 -39.21 10.40 7.01
C ARG B 37 -38.81 10.72 5.58
N ASN B 38 -37.93 9.92 5.00
CA ASN B 38 -37.45 10.15 3.65
C ASN B 38 -36.97 11.58 3.40
N GLU B 39 -36.06 12.06 4.25
CA GLU B 39 -35.49 13.40 4.13
C GLU B 39 -34.10 13.40 3.46
N LEU B 40 -33.63 12.23 3.05
CA LEU B 40 -32.39 12.20 2.27
C LEU B 40 -32.64 12.48 0.79
N VAL B 41 -31.61 13.00 0.12
CA VAL B 41 -31.72 13.30 -1.29
C VAL B 41 -30.41 12.91 -1.96
N LEU B 42 -30.48 12.49 -3.22
CA LEU B 42 -29.24 12.22 -3.94
C LEU B 42 -28.90 13.31 -4.95
N HIS B 43 -27.67 13.81 -4.86
CA HIS B 43 -27.11 14.54 -5.96
C HIS B 43 -26.17 13.60 -6.76
N TYR B 44 -25.77 14.00 -7.96
CA TYR B 44 -25.00 13.12 -8.84
C TYR B 44 -23.89 13.94 -9.52
N GLN B 45 -22.63 13.51 -9.42
CA GLN B 45 -21.59 14.27 -10.09
C GLN B 45 -21.14 13.62 -11.38
N PRO B 46 -21.21 14.37 -12.47
CA PRO B 46 -20.79 13.71 -13.74
C PRO B 46 -19.39 13.16 -13.65
N ILE B 47 -19.24 11.95 -14.13
CA ILE B 47 -17.91 11.39 -14.37
C ILE B 47 -17.72 11.47 -15.88
N VAL B 48 -16.55 11.93 -16.31
CA VAL B 48 -16.34 12.34 -17.70
C VAL B 48 -15.17 11.59 -18.35
N GLU B 49 -15.31 11.24 -19.61
CA GLU B 49 -14.20 10.70 -20.38
C GLU B 49 -13.34 11.88 -20.77
N LEU B 50 -12.12 11.93 -20.28
CA LEU B 50 -11.37 13.18 -20.44
C LEU B 50 -11.01 13.54 -21.89
N ALA B 51 -10.72 12.55 -22.71
CA ALA B 51 -10.33 12.83 -24.10
C ALA B 51 -11.48 13.48 -24.89
N SER B 52 -12.70 12.98 -24.70
CA SER B 52 -13.86 13.37 -25.53
C SER B 52 -14.80 14.34 -24.84
N GLY B 53 -14.77 14.38 -23.51
CA GLY B 53 -15.59 15.30 -22.73
C GLY B 53 -16.96 14.71 -22.42
N ARG B 54 -17.26 13.56 -23.03
CA ARG B 54 -18.51 12.86 -22.78
C ARG B 54 -18.77 12.44 -21.30
N ILE B 55 -19.97 12.70 -20.81
CA ILE B 55 -20.40 12.17 -19.53
C ILE B 55 -20.71 10.68 -19.74
N VAL B 56 -20.02 9.82 -18.99
CA VAL B 56 -20.20 8.39 -19.14
C VAL B 56 -20.68 7.78 -17.82
N GLY B 57 -20.78 8.62 -16.77
CA GLY B 57 -21.15 8.12 -15.47
C GLY B 57 -21.50 9.21 -14.51
N GLY B 58 -21.89 8.82 -13.30
CA GLY B 58 -22.24 9.78 -12.29
C GLY B 58 -22.05 9.15 -10.94
N GLU B 59 -21.47 9.91 -10.01
CA GLU B 59 -21.34 9.40 -8.66
C GLU B 59 -22.55 9.86 -7.87
N ALA B 60 -23.28 8.92 -7.27
CA ALA B 60 -24.33 9.30 -6.30
C ALA B 60 -23.69 9.85 -5.04
N LEU B 61 -24.18 11.01 -4.58
CA LEU B 61 -23.72 11.60 -3.30
C LEU B 61 -24.92 11.99 -2.46
N VAL B 62 -25.00 11.48 -1.24
CA VAL B 62 -26.19 11.69 -0.41
C VAL B 62 -26.13 13.09 0.20
N ARG B 63 -27.29 13.70 0.40
CA ARG B 63 -27.42 14.93 1.21
C ARG B 63 -28.63 14.76 2.10
N TRP B 64 -28.65 15.54 3.16
CA TRP B 64 -29.74 15.45 4.11
C TRP B 64 -30.45 16.79 4.08
N GLU B 65 -31.66 16.80 3.55
CA GLU B 65 -32.52 18.00 3.59
C GLU B 65 -33.23 18.11 4.95
N ASP B 66 -32.50 18.60 5.95
CA ASP B 66 -33.01 18.82 7.30
C ASP B 66 -33.99 20.01 7.30
N PRO B 67 -35.25 19.78 7.71
CA PRO B 67 -36.25 20.86 7.70
C PRO B 67 -35.98 21.89 8.79
N GLU B 68 -34.93 21.66 9.59
CA GLU B 68 -34.51 22.62 10.60
C GLU B 68 -33.22 23.37 10.23
N ARG B 69 -32.24 22.65 9.68
CA ARG B 69 -30.90 23.17 9.36
C ARG B 69 -30.60 23.43 7.88
N GLY B 70 -31.52 23.10 6.98
CA GLY B 70 -31.23 23.17 5.55
C GLY B 70 -30.40 21.98 5.05
N LEU B 71 -29.78 22.14 3.89
CA LEU B 71 -29.03 21.05 3.24
C LEU B 71 -27.75 20.72 3.99
N VAL B 72 -27.70 19.52 4.55
CA VAL B 72 -26.59 19.06 5.39
C VAL B 72 -25.71 18.12 4.55
N MSE B 73 -24.39 18.35 4.61
CA MSE B 73 -23.43 17.60 3.77
C MSE B 73 -22.96 16.30 4.41
O MSE B 73 -22.88 16.21 5.64
CB MSE B 73 -22.23 18.50 3.44
CG MSE B 73 -22.58 19.79 2.68
SE MSE B 73 -23.41 19.39 0.98
CE MSE B 73 -23.72 21.20 0.29
N PRO B 74 -22.63 15.29 3.60
CA PRO B 74 -22.23 13.98 4.12
C PRO B 74 -21.07 13.99 5.16
N SER B 75 -20.07 14.83 4.99
CA SER B 75 -18.96 14.82 5.94
C SER B 75 -19.44 15.13 7.38
N ALA B 76 -20.62 15.72 7.51
CA ALA B 76 -21.19 15.98 8.83
C ALA B 76 -21.85 14.75 9.47
N PHE B 77 -22.24 13.75 8.68
CA PHE B 77 -22.98 12.59 9.24
C PHE B 77 -22.53 11.18 8.84
N ILE B 78 -21.92 11.05 7.67
CA ILE B 78 -21.44 9.76 7.20
C ILE B 78 -20.49 9.10 8.20
N PRO B 79 -19.45 9.83 8.69
CA PRO B 79 -18.49 9.15 9.61
C PRO B 79 -19.09 8.63 10.94
N ALA B 80 -20.09 9.32 11.47
CA ALA B 80 -20.75 8.90 12.71
C ALA B 80 -21.61 7.69 12.42
N ALA B 81 -22.32 7.74 11.29
CA ALA B 81 -23.18 6.65 10.86
C ALA B 81 -22.37 5.38 10.59
N GLU B 82 -21.19 5.53 9.98
CA GLU B 82 -20.19 4.46 9.87
C GLU B 82 -19.91 3.78 11.21
N ASP B 83 -19.96 4.54 12.29
CA ASP B 83 -19.61 4.02 13.62
C ASP B 83 -20.71 3.22 14.26
N THR B 84 -21.93 3.74 14.14
CA THR B 84 -23.09 3.22 14.87
C THR B 84 -23.80 2.14 14.12
N GLY B 85 -23.38 1.90 12.88
CA GLY B 85 -24.03 0.90 12.03
C GLY B 85 -25.22 1.39 11.21
N LEU B 86 -25.70 2.61 11.49
CA LEU B 86 -26.73 3.22 10.63
C LEU B 86 -26.37 3.32 9.14
N ILE B 87 -25.07 3.36 8.83
CA ILE B 87 -24.59 3.41 7.45
C ILE B 87 -25.26 2.34 6.56
N VAL B 88 -25.61 1.19 7.13
CA VAL B 88 -26.21 0.07 6.38
C VAL B 88 -27.63 0.38 5.88
N ALA B 89 -28.53 0.76 6.77
CA ALA B 89 -29.88 1.15 6.36
C ALA B 89 -29.85 2.31 5.34
N LEU B 90 -29.00 3.30 5.59
CA LEU B 90 -28.89 4.45 4.72
C LEU B 90 -28.35 4.04 3.34
N SER B 91 -27.36 3.18 3.37
CA SER B 91 -26.78 2.69 2.17
C SER B 91 -27.75 1.78 1.41
N ASP B 92 -28.69 1.16 2.11
CA ASP B 92 -29.75 0.42 1.41
C ASP B 92 -30.67 1.38 0.65
N TRP B 93 -30.99 2.49 1.31
CA TRP B 93 -31.78 3.52 0.68
C TRP B 93 -31.06 4.10 -0.54
N VAL B 94 -29.80 4.49 -0.37
CA VAL B 94 -29.03 5.04 -1.50
C VAL B 94 -29.04 4.07 -2.69
N LEU B 95 -28.78 2.78 -2.42
CA LEU B 95 -28.75 1.76 -3.50
C LEU B 95 -30.03 1.74 -4.29
N GLU B 96 -31.14 1.67 -3.56
CA GLU B 96 -32.45 1.62 -4.18
C GLU B 96 -32.78 2.85 -4.99
N ALA B 97 -32.61 4.02 -4.37
CA ALA B 97 -32.97 5.30 -5.02
C ALA B 97 -32.13 5.54 -6.28
N CYS B 98 -30.86 5.17 -6.18
CA CYS B 98 -29.91 5.35 -7.26
C CYS B 98 -30.22 4.44 -8.45
N CYS B 99 -30.45 3.16 -8.17
CA CYS B 99 -30.90 2.22 -9.21
C CYS B 99 -32.24 2.64 -9.89
N THR B 100 -33.23 2.94 -9.08
CA THR B 100 -34.48 3.49 -9.56
C THR B 100 -34.33 4.70 -10.46
N GLN B 101 -33.47 5.64 -10.08
CA GLN B 101 -33.28 6.86 -10.84
C GLN B 101 -32.64 6.63 -12.21
N LEU B 102 -31.59 5.80 -12.23
CA LEU B 102 -30.95 5.42 -13.49
C LEU B 102 -31.95 4.70 -14.39
N ARG B 103 -32.70 3.76 -13.82
CA ARG B 103 -33.70 3.02 -14.62
C ARG B 103 -34.75 4.01 -15.16
N ALA B 104 -35.19 4.94 -14.31
CA ALA B 104 -36.18 5.93 -14.75
C ALA B 104 -35.63 6.75 -15.92
N TRP B 105 -34.41 7.23 -15.82
CA TRP B 105 -33.79 7.96 -16.92
C TRP B 105 -33.66 7.15 -18.20
N GLN B 106 -33.40 5.85 -18.05
CA GLN B 106 -33.31 4.95 -19.20
C GLN B 106 -34.67 4.81 -19.87
N GLN B 107 -35.69 4.57 -19.07
CA GLN B 107 -37.07 4.47 -19.57
C GLN B 107 -37.60 5.76 -20.21
N GLN B 108 -37.07 6.90 -19.77
CA GLN B 108 -37.46 8.21 -20.30
C GLN B 108 -36.59 8.64 -21.49
N GLY B 109 -35.69 7.76 -21.95
CA GLY B 109 -34.84 8.05 -23.11
C GLY B 109 -33.71 9.05 -22.89
N ARG B 110 -33.41 9.34 -21.63
CA ARG B 110 -32.39 10.34 -21.32
C ARG B 110 -30.98 9.77 -21.05
N ALA B 111 -30.89 8.54 -20.56
CA ALA B 111 -29.57 7.94 -20.34
C ALA B 111 -29.19 7.10 -21.53
N ALA B 112 -28.03 7.38 -22.11
CA ALA B 112 -27.53 6.51 -23.18
C ALA B 112 -27.19 5.15 -22.59
N ASP B 113 -26.93 4.17 -23.46
CA ASP B 113 -26.68 2.82 -23.02
C ASP B 113 -25.39 2.67 -22.22
N ASP B 114 -24.41 3.53 -22.52
CA ASP B 114 -23.12 3.48 -21.83
C ASP B 114 -23.07 4.09 -20.37
N LEU B 115 -24.17 4.70 -19.90
CA LEU B 115 -24.18 5.39 -18.62
C LEU B 115 -24.39 4.49 -17.42
N THR B 116 -23.54 4.69 -16.41
CA THR B 116 -23.63 3.96 -15.14
C THR B 116 -23.74 4.96 -14.00
N LEU B 117 -24.13 4.51 -12.83
CA LEU B 117 -24.03 5.32 -11.65
C LEU B 117 -23.29 4.53 -10.59
N SER B 118 -22.39 5.19 -9.87
CA SER B 118 -21.73 4.56 -8.75
C SER B 118 -22.18 5.08 -7.40
N VAL B 119 -22.17 4.16 -6.44
CA VAL B 119 -22.62 4.39 -5.07
C VAL B 119 -21.43 4.07 -4.15
N ASN B 120 -21.26 4.92 -3.15
CA ASN B 120 -20.28 4.71 -2.08
C ASN B 120 -20.78 3.71 -1.06
N ILE B 121 -19.93 2.72 -0.79
CA ILE B 121 -20.20 1.64 0.17
C ILE B 121 -19.25 1.71 1.37
N SER B 122 -19.76 1.39 2.54
CA SER B 122 -18.95 1.29 3.75
C SER B 122 -18.48 -0.15 3.97
N THR B 123 -17.37 -0.34 4.66
CA THR B 123 -16.96 -1.71 4.98
C THR B 123 -17.92 -2.39 5.99
N ARG B 124 -18.76 -1.59 6.66
CA ARG B 124 -19.75 -2.10 7.60
C ARG B 124 -20.79 -2.97 6.88
N GLN B 125 -20.86 -2.81 5.57
CA GLN B 125 -21.82 -3.55 4.75
C GLN B 125 -21.46 -4.99 4.43
N PHE B 126 -20.22 -5.40 4.69
CA PHE B 126 -19.89 -6.81 4.55
C PHE B 126 -20.37 -7.71 5.69
N GLU B 127 -20.59 -7.11 6.86
CA GLU B 127 -21.02 -7.84 8.05
C GLU B 127 -22.28 -8.66 7.76
N GLY B 128 -22.15 -9.97 7.95
CA GLY B 128 -23.19 -10.93 7.58
C GLY B 128 -23.57 -10.98 6.11
N GLU B 129 -22.63 -10.66 5.21
CA GLU B 129 -22.84 -10.69 3.74
C GLU B 129 -24.06 -9.92 3.28
N HIS B 130 -24.41 -8.88 4.02
CA HIS B 130 -25.61 -8.12 3.75
C HIS B 130 -25.49 -7.28 2.44
N LEU B 131 -24.27 -6.93 2.05
CA LEU B 131 -24.07 -6.20 0.79
C LEU B 131 -24.73 -6.85 -0.44
N THR B 132 -24.46 -8.14 -0.62
CA THR B 132 -24.96 -8.92 -1.74
C THR B 132 -26.49 -8.86 -1.80
N ARG B 133 -27.10 -9.13 -0.66
CA ARG B 133 -28.52 -9.16 -0.57
C ARG B 133 -29.14 -7.79 -0.92
N ALA B 134 -28.48 -6.71 -0.49
CA ALA B 134 -29.00 -5.36 -0.68
C ALA B 134 -28.81 -4.87 -2.10
N VAL B 135 -27.70 -5.25 -2.76
CA VAL B 135 -27.53 -4.98 -4.16
C VAL B 135 -28.57 -5.75 -4.98
N ASP B 136 -28.82 -6.99 -4.61
CA ASP B 136 -29.76 -7.80 -5.34
C ASP B 136 -31.16 -7.23 -5.22
N ARG B 137 -31.56 -6.82 -4.01
CA ARG B 137 -32.90 -6.25 -3.81
C ARG B 137 -33.09 -5.00 -4.66
N ALA B 138 -32.10 -4.11 -4.65
CA ALA B 138 -32.17 -2.86 -5.41
C ALA B 138 -32.25 -3.07 -6.93
N LEU B 139 -31.46 -4.00 -7.48
CA LEU B 139 -31.50 -4.33 -8.90
C LEU B 139 -32.84 -4.97 -9.27
N ALA B 140 -33.33 -5.87 -8.43
CA ALA B 140 -34.56 -6.58 -8.70
C ALA B 140 -35.75 -5.62 -8.69
N ARG B 141 -35.80 -4.76 -7.67
CA ARG B 141 -36.91 -3.80 -7.56
C ARG B 141 -36.90 -2.69 -8.64
N SER B 142 -35.72 -2.23 -9.02
CA SER B 142 -35.63 -1.23 -10.08
C SER B 142 -35.72 -1.85 -11.44
N GLY B 143 -35.36 -3.14 -11.56
CA GLY B 143 -35.21 -3.80 -12.86
C GLY B 143 -34.03 -3.23 -13.63
N LEU B 144 -33.14 -2.53 -12.93
CA LEU B 144 -31.88 -2.09 -13.51
C LEU B 144 -30.93 -3.26 -13.83
N ARG B 145 -30.33 -3.21 -15.01
CA ARG B 145 -29.25 -4.08 -15.41
C ARG B 145 -28.06 -3.94 -14.44
N PRO B 146 -27.51 -5.06 -13.96
CA PRO B 146 -26.42 -5.04 -12.97
C PRO B 146 -25.17 -4.26 -13.37
N ASP B 147 -24.79 -4.27 -14.66
CA ASP B 147 -23.55 -3.61 -15.08
C ASP B 147 -23.65 -2.12 -15.28
N CYS B 148 -24.87 -1.62 -15.09
CA CYS B 148 -25.17 -0.18 -14.99
C CYS B 148 -24.87 0.37 -13.59
N LEU B 149 -24.66 -0.50 -12.63
CA LEU B 149 -24.39 -0.07 -11.27
C LEU B 149 -22.95 -0.39 -10.95
N GLU B 150 -22.29 0.52 -10.22
CA GLU B 150 -20.87 0.40 -9.88
C GLU B 150 -20.72 0.82 -8.43
N LEU B 151 -19.82 0.19 -7.69
CA LEU B 151 -19.67 0.46 -6.28
C LEU B 151 -18.27 0.91 -5.95
N GLU B 152 -18.16 1.79 -4.96
CA GLU B 152 -16.94 2.49 -4.58
C GLU B 152 -16.71 2.29 -3.09
N ILE B 153 -15.53 1.77 -2.75
CA ILE B 153 -15.18 1.51 -1.34
C ILE B 153 -13.73 1.93 -1.03
N THR B 154 -13.46 2.32 0.22
CA THR B 154 -12.10 2.74 0.57
C THR B 154 -11.13 1.57 0.48
N GLU B 155 -9.88 1.94 0.27
CA GLU B 155 -8.75 1.04 0.17
C GLU B 155 -8.71 0.19 1.41
N ASN B 156 -9.13 0.80 2.51
CA ASN B 156 -9.00 0.20 3.83
C ASN B 156 -9.79 -1.05 4.02
N VAL B 157 -10.62 -1.38 3.06
CA VAL B 157 -11.30 -2.66 3.06
C VAL B 157 -10.22 -3.77 3.09
N MSE B 158 -9.05 -3.51 2.53
CA MSE B 158 -7.94 -4.48 2.57
C MSE B 158 -7.43 -4.78 3.98
O MSE B 158 -6.88 -5.85 4.21
CB MSE B 158 -6.81 -4.09 1.61
CG MSE B 158 -7.24 -4.33 0.17
SE MSE B 158 -5.94 -4.12 -1.20
CE MSE B 158 -6.37 -2.30 -1.58
N LEU B 159 -7.63 -3.87 4.92
CA LEU B 159 -7.28 -4.13 6.32
C LEU B 159 -8.24 -5.11 6.98
N VAL B 160 -9.47 -5.17 6.51
CA VAL B 160 -10.47 -6.04 7.15
C VAL B 160 -10.86 -7.22 6.26
N MSE B 161 -9.87 -7.84 5.63
CA MSE B 161 -10.12 -8.86 4.64
C MSE B 161 -10.38 -10.22 5.29
O MSE B 161 -9.46 -10.94 5.64
CB MSE B 161 -8.93 -8.94 3.68
CG MSE B 161 -9.15 -9.80 2.47
SE MSE B 161 -10.66 -9.25 1.37
CE MSE B 161 -10.46 -7.31 1.47
N THR B 162 -11.65 -10.54 5.47
CA THR B 162 -12.06 -11.83 5.98
C THR B 162 -12.63 -12.67 4.84
N ASP B 163 -12.92 -13.95 5.12
CA ASP B 163 -13.55 -14.86 4.15
C ASP B 163 -14.92 -14.33 3.73
N GLU B 164 -15.64 -13.83 4.73
CA GLU B 164 -16.87 -13.07 4.58
C GLU B 164 -16.76 -11.95 3.54
N VAL B 165 -15.70 -11.14 3.63
CA VAL B 165 -15.52 -9.99 2.74
C VAL B 165 -15.16 -10.51 1.37
N ARG B 166 -14.26 -11.50 1.36
CA ARG B 166 -13.82 -12.14 0.14
C ARG B 166 -15.05 -12.68 -0.63
N THR B 167 -15.98 -13.28 0.12
CA THR B 167 -17.18 -13.84 -0.48
C THR B 167 -18.07 -12.81 -1.20
N CYS B 168 -18.22 -11.61 -0.60
CA CYS B 168 -19.03 -10.55 -1.23
C CYS B 168 -18.38 -10.02 -2.48
N LEU B 169 -17.07 -9.85 -2.46
CA LEU B 169 -16.34 -9.44 -3.64
C LEU B 169 -16.61 -10.35 -4.84
N ASP B 170 -16.57 -11.66 -4.61
CA ASP B 170 -16.85 -12.67 -5.63
C ASP B 170 -18.31 -12.66 -6.12
N ALA B 171 -19.24 -12.53 -5.16
CA ALA B 171 -20.66 -12.39 -5.48
C ALA B 171 -20.89 -11.24 -6.45
N LEU B 172 -20.25 -10.11 -6.19
CA LEU B 172 -20.44 -8.93 -7.01
C LEU B 172 -19.77 -9.06 -8.37
N ARG B 173 -18.59 -9.65 -8.42
CA ARG B 173 -17.98 -9.94 -9.72
C ARG B 173 -18.87 -10.86 -10.57
N ALA B 174 -19.45 -11.89 -9.93
CA ALA B 174 -20.25 -12.88 -10.64
C ALA B 174 -21.55 -12.26 -11.21
N ARG B 175 -21.98 -11.12 -10.64
CA ARG B 175 -23.16 -10.35 -11.12
C ARG B 175 -22.81 -9.27 -12.14
N GLY B 176 -21.54 -8.91 -12.26
CA GLY B 176 -21.15 -7.90 -13.22
C GLY B 176 -21.20 -6.50 -12.65
N VAL B 177 -21.35 -6.42 -11.32
CA VAL B 177 -21.37 -5.18 -10.61
C VAL B 177 -19.93 -4.77 -10.35
N ARG B 178 -19.50 -3.72 -11.03
CA ARG B 178 -18.10 -3.25 -11.01
C ARG B 178 -17.79 -2.65 -9.65
N LEU B 179 -16.65 -3.01 -9.08
CA LEU B 179 -16.17 -2.46 -7.79
C LEU B 179 -14.92 -1.61 -7.98
N ALA B 180 -14.95 -0.39 -7.47
CA ALA B 180 -13.77 0.46 -7.50
C ALA B 180 -13.25 0.84 -6.11
N LEU B 181 -11.96 1.17 -6.09
CA LEU B 181 -11.34 1.69 -4.88
C LEU B 181 -11.34 3.20 -4.86
N ASP B 182 -12.07 3.74 -3.90
CA ASP B 182 -12.27 5.17 -3.72
C ASP B 182 -11.11 5.77 -2.90
N ASP B 183 -10.74 7.02 -3.18
CA ASP B 183 -9.71 7.72 -2.37
C ASP B 183 -8.38 7.01 -2.42
N PHE B 184 -8.15 6.28 -3.50
CA PHE B 184 -6.91 5.54 -3.62
C PHE B 184 -5.66 6.40 -3.39
N GLY B 185 -4.85 5.94 -2.45
CA GLY B 185 -3.59 6.60 -2.12
C GLY B 185 -3.58 7.12 -0.70
N THR B 186 -4.76 7.25 -0.09
CA THR B 186 -4.88 7.83 1.22
C THR B 186 -5.17 6.76 2.23
N GLY B 187 -5.26 5.52 1.79
CA GLY B 187 -5.53 4.42 2.72
C GLY B 187 -4.35 3.47 2.73
N TYR B 188 -4.62 2.23 3.15
CA TYR B 188 -3.62 1.18 3.18
C TYR B 188 -4.01 0.09 2.26
N SER B 189 -3.07 -0.29 1.39
CA SER B 189 -3.30 -1.39 0.49
C SER B 189 -2.33 -2.47 0.82
N SER B 190 -2.79 -3.71 0.71
CA SER B 190 -1.89 -4.80 0.62
C SER B 190 -1.58 -4.89 -0.87
N LEU B 191 -0.30 -4.93 -1.23
CA LEU B 191 0.03 -5.09 -2.63
C LEU B 191 -0.35 -6.44 -3.19
N SER B 192 -0.27 -7.48 -2.37
CA SER B 192 -0.72 -8.78 -2.83
C SER B 192 -2.23 -8.82 -3.06
N TYR B 193 -3.04 -8.36 -2.08
CA TYR B 193 -4.51 -8.27 -2.27
C TYR B 193 -4.94 -7.42 -3.46
N LEU B 194 -4.35 -6.24 -3.57
CA LEU B 194 -4.63 -5.37 -4.68
C LEU B 194 -4.48 -6.10 -6.03
N SER B 195 -3.52 -7.00 -6.09
CA SER B 195 -3.23 -7.73 -7.33
CA SER B 195 -3.21 -7.73 -7.31
C SER B 195 -4.20 -8.90 -7.51
N GLN B 196 -4.86 -9.31 -6.44
CA GLN B 196 -5.66 -10.51 -6.54
C GLN B 196 -7.17 -10.28 -6.64
N LEU B 197 -7.67 -9.29 -5.90
CA LEU B 197 -9.09 -9.10 -5.70
C LEU B 197 -9.81 -8.49 -6.94
N PRO B 198 -11.14 -8.71 -7.05
CA PRO B 198 -11.83 -8.27 -8.27
C PRO B 198 -12.28 -6.78 -8.27
N PHE B 199 -11.31 -5.87 -8.20
CA PHE B 199 -11.58 -4.45 -8.37
C PHE B 199 -11.36 -4.07 -9.81
N HIS B 200 -12.22 -3.20 -10.31
CA HIS B 200 -12.16 -2.89 -11.72
C HIS B 200 -11.66 -1.51 -11.96
N GLY B 201 -11.57 -0.72 -10.88
CA GLY B 201 -11.20 0.69 -11.00
C GLY B 201 -10.52 1.28 -9.77
N LEU B 202 -9.80 2.37 -9.98
CA LEU B 202 -9.15 3.10 -8.89
C LEU B 202 -9.56 4.55 -9.09
N LYS B 203 -9.84 5.23 -7.99
CA LYS B 203 -10.11 6.66 -8.00
C LYS B 203 -8.99 7.41 -7.30
N ILE B 204 -8.22 8.20 -8.06
CA ILE B 204 -7.14 8.98 -7.46
C ILE B 204 -7.78 10.01 -6.51
N ASP B 205 -7.39 10.00 -5.24
CA ASP B 205 -7.99 10.95 -4.28
C ASP B 205 -7.72 12.39 -4.67
N GLN B 206 -8.67 13.25 -4.35
CA GLN B 206 -8.65 14.64 -4.78
C GLN B 206 -7.53 15.44 -4.13
N SER B 207 -7.04 15.00 -2.97
CA SER B 207 -5.93 15.66 -2.32
C SER B 207 -4.63 15.53 -3.13
N PHE B 208 -4.47 14.51 -3.96
CA PHE B 208 -3.27 14.48 -4.83
C PHE B 208 -3.48 15.30 -6.09
N VAL B 209 -4.67 15.17 -6.69
CA VAL B 209 -5.04 15.90 -7.91
C VAL B 209 -4.87 17.41 -7.75
N ARG B 210 -5.33 17.88 -6.61
CA ARG B 210 -5.28 19.28 -6.23
C ARG B 210 -3.86 19.87 -6.35
N LYS B 211 -2.85 19.01 -6.26
CA LYS B 211 -1.49 19.45 -6.14
C LYS B 211 -0.62 19.20 -7.38
N ILE B 212 -1.23 18.80 -8.48
CA ILE B 212 -0.46 18.50 -9.67
C ILE B 212 -0.57 19.63 -10.67
N PRO B 213 0.44 19.82 -11.55
CA PRO B 213 1.77 19.20 -11.63
C PRO B 213 2.85 19.88 -10.80
N ALA B 214 2.49 20.84 -9.93
CA ALA B 214 3.50 21.63 -9.21
C ALA B 214 4.24 20.89 -8.08
N HIS B 215 3.59 19.87 -7.50
CA HIS B 215 4.19 19.17 -6.36
C HIS B 215 4.64 17.76 -6.74
N PRO B 216 5.96 17.50 -6.66
CA PRO B 216 6.54 16.22 -7.07
C PRO B 216 5.97 14.99 -6.37
N SER B 217 5.88 15.04 -5.05
CA SER B 217 5.38 13.92 -4.26
C SER B 217 4.00 13.47 -4.74
N GLU B 218 3.06 14.43 -4.86
CA GLU B 218 1.70 14.12 -5.30
C GLU B 218 1.62 13.81 -6.80
N THR B 219 2.43 14.51 -7.60
CA THR B 219 2.52 14.22 -9.02
C THR B 219 2.96 12.77 -9.29
N GLN B 220 4.02 12.31 -8.64
CA GLN B 220 4.54 10.95 -8.88
C GLN B 220 3.60 9.88 -8.30
N ILE B 221 2.85 10.22 -7.26
CA ILE B 221 1.79 9.36 -6.74
C ILE B 221 0.71 9.12 -7.80
N VAL B 222 0.35 10.17 -8.55
CA VAL B 222 -0.68 10.08 -9.53
C VAL B 222 -0.19 9.23 -10.71
N THR B 223 1.04 9.48 -11.14
CA THR B 223 1.55 8.70 -12.27
C THR B 223 1.79 7.22 -11.93
N THR B 224 2.12 6.96 -10.67
CA THR B 224 2.27 5.60 -10.18
C THR B 224 0.94 4.90 -10.18
N ILE B 225 -0.07 5.51 -9.57
CA ILE B 225 -1.44 4.98 -9.65
C ILE B 225 -1.85 4.64 -11.10
N LEU B 226 -1.70 5.59 -12.01
CA LEU B 226 -1.94 5.30 -13.43
C LEU B 226 -1.16 4.07 -13.93
N ALA B 227 0.09 3.90 -13.48
CA ALA B 227 0.88 2.77 -13.94
C ALA B 227 0.41 1.46 -13.31
N LEU B 228 0.00 1.54 -12.04
CA LEU B 228 -0.53 0.37 -11.36
C LEU B 228 -1.76 -0.11 -12.09
N ALA B 229 -2.67 0.82 -12.37
CA ALA B 229 -3.94 0.49 -12.97
C ALA B 229 -3.78 -0.16 -14.33
N ARG B 230 -2.78 0.29 -15.11
CA ARG B 230 -2.54 -0.26 -16.45
C ARG B 230 -2.17 -1.72 -16.34
N GLY B 231 -1.19 -2.04 -15.51
CA GLY B 231 -0.79 -3.42 -15.24
C GLY B 231 -1.89 -4.29 -14.65
N LEU B 232 -2.81 -3.70 -13.88
CA LEU B 232 -3.87 -4.44 -13.21
C LEU B 232 -5.18 -4.51 -14.01
N GLY B 233 -5.23 -3.86 -15.17
CA GLY B 233 -6.40 -3.94 -16.04
C GLY B 233 -7.56 -3.17 -15.43
N MSE B 234 -7.22 -2.11 -14.69
CA MSE B 234 -8.18 -1.28 -14.00
C MSE B 234 -8.34 0.09 -14.72
O MSE B 234 -7.39 0.60 -15.31
CB MSE B 234 -7.72 -1.07 -12.54
CG MSE B 234 -7.74 -2.34 -11.70
SE MSE B 234 -7.24 -2.14 -9.82
CE MSE B 234 -7.10 -4.05 -9.39
N GLU B 235 -9.55 0.64 -14.68
CA GLU B 235 -9.82 2.01 -15.13
C GLU B 235 -9.53 3.01 -14.00
N VAL B 236 -9.19 4.22 -14.38
CA VAL B 236 -8.86 5.22 -13.42
C VAL B 236 -9.75 6.41 -13.63
N VAL B 237 -10.33 6.85 -12.51
CA VAL B 237 -11.05 8.10 -12.42
C VAL B 237 -10.27 9.06 -11.53
N ALA B 238 -9.93 10.26 -12.02
CA ALA B 238 -9.36 11.29 -11.11
C ALA B 238 -10.44 12.13 -10.43
N GLU B 239 -10.43 12.25 -9.11
CA GLU B 239 -11.42 13.09 -8.46
C GLU B 239 -10.91 14.48 -8.15
N GLY B 240 -11.80 15.46 -8.24
CA GLY B 240 -11.50 16.80 -7.73
C GLY B 240 -10.73 17.65 -8.72
N ILE B 241 -10.92 17.42 -10.02
CA ILE B 241 -10.27 18.27 -11.04
C ILE B 241 -10.85 19.67 -10.98
N GLU B 242 -10.01 20.63 -10.60
CA GLU B 242 -10.48 21.99 -10.39
C GLU B 242 -9.97 22.96 -11.44
N THR B 243 -8.91 22.59 -12.16
CA THR B 243 -8.35 23.50 -13.15
C THR B 243 -8.10 22.84 -14.50
N ALA B 244 -8.05 23.67 -15.52
CA ALA B 244 -7.59 23.33 -16.85
C ALA B 244 -6.22 22.64 -16.86
N GLN B 245 -5.32 23.10 -15.99
N GLN B 245 -5.33 23.10 -15.99
CA GLN B 245 -3.97 22.52 -15.91
CA GLN B 245 -3.98 22.57 -15.88
C GLN B 245 -4.01 21.08 -15.42
C GLN B 245 -3.93 21.13 -15.35
N GLN B 246 -4.73 20.82 -14.33
CA GLN B 246 -4.88 19.46 -13.81
C GLN B 246 -5.53 18.57 -14.87
N TYR B 247 -6.60 19.05 -15.49
CA TYR B 247 -7.27 18.31 -16.55
C TYR B 247 -6.29 17.88 -17.67
N ALA B 248 -5.48 18.83 -18.14
CA ALA B 248 -4.59 18.58 -19.29
C ALA B 248 -3.48 17.58 -18.94
N PHE B 249 -2.94 17.68 -17.72
CA PHE B 249 -1.87 16.81 -17.26
C PHE B 249 -2.38 15.38 -17.18
N LEU B 250 -3.56 15.22 -16.59
CA LEU B 250 -4.17 13.91 -16.41
C LEU B 250 -4.44 13.25 -17.74
N ARG B 251 -5.09 13.99 -18.63
CA ARG B 251 -5.33 13.55 -19.99
C ARG B 251 -4.03 13.19 -20.74
N ASP B 252 -3.04 14.08 -20.68
CA ASP B 252 -1.78 13.90 -21.44
C ASP B 252 -1.06 12.63 -20.99
N ARG B 253 -1.30 12.23 -19.73
CA ARG B 253 -0.68 11.06 -19.13
C ARG B 253 -1.54 9.80 -19.15
N GLY B 254 -2.71 9.88 -19.77
CA GLY B 254 -3.53 8.67 -19.97
C GLY B 254 -4.57 8.35 -18.92
N CYS B 255 -4.88 9.32 -18.06
CA CYS B 255 -5.98 9.16 -17.13
C CYS B 255 -7.24 9.22 -17.96
N GLU B 256 -8.04 8.17 -17.87
CA GLU B 256 -9.21 7.95 -18.70
C GLU B 256 -10.36 8.90 -18.37
N PHE B 257 -10.75 8.86 -17.10
CA PHE B 257 -11.96 9.47 -16.60
C PHE B 257 -11.63 10.47 -15.53
N GLY B 258 -12.50 11.45 -15.40
CA GLY B 258 -12.42 12.37 -14.28
C GLY B 258 -13.76 12.87 -13.81
N GLN B 259 -13.71 13.51 -12.64
CA GLN B 259 -14.84 14.03 -11.92
C GLN B 259 -14.28 15.31 -11.29
N GLY B 260 -14.97 16.44 -11.42
CA GLY B 260 -14.53 17.64 -10.67
C GLY B 260 -15.36 18.89 -10.89
N ASN B 261 -15.26 19.85 -9.98
CA ASN B 261 -16.01 21.10 -10.12
C ASN B 261 -15.73 21.88 -11.41
N LEU B 262 -14.53 21.68 -12.00
CA LEU B 262 -14.20 22.31 -13.25
C LEU B 262 -15.31 21.99 -14.26
N MSE B 263 -15.67 20.71 -14.35
CA MSE B 263 -16.65 20.25 -15.32
C MSE B 263 -18.07 20.45 -14.79
O MSE B 263 -18.93 20.97 -15.49
CB MSE B 263 -16.44 18.77 -15.64
CG MSE B 263 -15.17 18.44 -16.39
SE MSE B 263 -13.69 18.21 -15.17
CE MSE B 263 -14.04 16.40 -14.67
N SER B 264 -18.31 20.00 -13.56
CA SER B 264 -19.62 20.06 -12.93
C SER B 264 -19.54 19.61 -11.47
N THR B 265 -20.09 20.45 -10.61
CA THR B 265 -20.28 20.06 -9.23
C THR B 265 -21.33 18.98 -9.15
N PRO B 266 -21.52 18.36 -7.97
CA PRO B 266 -22.67 17.49 -7.82
C PRO B 266 -23.97 18.23 -8.12
N GLN B 267 -24.89 17.55 -8.82
CA GLN B 267 -26.12 18.14 -9.35
C GLN B 267 -27.33 17.40 -8.83
N ALA B 268 -28.41 18.14 -8.58
CA ALA B 268 -29.73 17.53 -8.38
C ALA B 268 -30.11 16.71 -9.63
N ALA B 269 -30.98 15.72 -9.43
CA ALA B 269 -31.39 14.81 -10.51
C ALA B 269 -31.75 15.54 -11.79
N ASP B 270 -32.69 16.48 -11.71
CA ASP B 270 -33.15 17.19 -12.92
C ASP B 270 -32.04 17.93 -13.68
N ALA B 271 -31.11 18.53 -12.91
CA ALA B 271 -30.01 19.23 -13.53
C ALA B 271 -28.99 18.23 -14.12
N PHE B 272 -28.77 17.10 -13.45
CA PHE B 272 -27.91 16.07 -14.05
C PHE B 272 -28.51 15.62 -15.38
N ALA B 273 -29.83 15.38 -15.38
CA ALA B 273 -30.51 14.82 -16.54
C ALA B 273 -30.54 15.84 -17.68
N SER B 274 -30.43 17.12 -17.29
CA SER B 274 -30.33 18.23 -18.22
C SER B 274 -29.06 18.13 -19.00
N LEU B 275 -27.98 17.79 -18.30
CA LEU B 275 -26.68 17.59 -18.96
C LEU B 275 -26.78 16.41 -19.88
N LEU B 276 -27.50 15.38 -19.45
CA LEU B 276 -27.66 14.21 -20.33
C LEU B 276 -28.33 14.62 -21.63
N ASP B 277 -29.37 15.46 -21.52
CA ASP B 277 -30.18 15.87 -22.67
C ASP B 277 -29.37 16.65 -23.66
N ARG B 278 -28.56 17.59 -23.19
CA ARG B 278 -27.74 18.44 -24.07
C ARG B 278 -26.64 17.67 -24.76
N GLN B 279 -26.21 16.56 -24.15
CA GLN B 279 -25.18 15.73 -24.70
C GLN B 279 -25.75 14.91 -25.85
N LYS B 280 -26.95 14.38 -25.64
CA LYS B 280 -27.63 13.62 -26.68
C LYS B 280 -27.85 14.47 -27.96
N ALA B 281 -28.24 15.72 -27.78
CA ALA B 281 -28.47 16.63 -28.88
C ALA B 281 -27.22 16.86 -29.77
N SER B 282 -26.03 16.82 -29.19
CA SER B 282 -24.78 17.02 -29.95
C SER B 282 -24.45 15.95 -30.99
P1 C2E C . 17.11 -16.19 8.48
O2P C2E C . 16.55 -17.41 9.16
O1P C2E C . 18.58 -15.89 8.53
O5' C2E C . 16.29 -14.90 8.96
C5' C2E C . 14.87 -14.97 9.02
C4' C2E C . 14.30 -13.63 9.45
O4' C2E C . 14.70 -13.35 10.80
C3' C2E C . 14.81 -12.46 8.62
O3' C2E C . 14.17 -12.40 7.34
C2' C2E C . 14.63 -11.30 9.60
O2' C2E C . 13.29 -10.76 9.57
C1' C2E C . 14.93 -11.95 10.96
N9 C2E C . 16.33 -11.60 11.31
C8 C2E C . 17.48 -12.13 10.85
N7 C2E C . 18.58 -11.50 11.39
C5 C2E C . 18.11 -10.54 12.19
C6 C2E C . 18.66 -9.57 12.99
O6 C2E C . 19.89 -9.45 13.07
N1 C2E C . 17.86 -8.73 13.70
C2 C2E C . 16.51 -8.80 13.62
N2 C2E C . 15.74 -7.93 14.33
N3 C2E C . 15.89 -9.73 12.85
C4 C2E C . 16.63 -10.60 12.13
P11 C2E C . 14.53 -11.41 6.12
O21 C2E C . 13.26 -11.21 5.30
O11 C2E C . 15.22 -10.17 6.65
O5A C2E C . 15.44 -12.17 5.05
C5A C2E C . 16.49 -13.07 5.34
C4A C2E C . 16.01 -14.52 5.40
O4A C2E C . 15.71 -15.11 4.11
C3A C2E C . 17.14 -15.34 5.98
O3A C2E C . 16.62 -16.25 6.95
C2A C2E C . 17.74 -16.08 4.80
O2A C2E C . 18.38 -17.28 5.21
C1A C2E C . 16.52 -16.29 3.88
N91 C2E C . 16.91 -16.48 2.45
C81 C2E C . 17.91 -15.88 1.81
N71 C2E C . 17.97 -16.31 0.53
C51 C2E C . 16.98 -17.21 0.35
C61 C2E C . 16.51 -18.04 -0.80
O61 C2E C . 17.05 -18.00 -1.93
N11 C2E C . 15.44 -18.86 -0.59
C21 C2E C . 14.83 -18.93 0.62
N21 C2E C . 13.79 -19.76 0.79
N31 C2E C . 15.26 -18.18 1.68
C41 C2E C . 16.32 -17.32 1.57
MG MG D . 15.83 -8.55 6.19
MG MG E . 12.09 -10.14 3.85
CL CL F . 36.27 5.51 6.32
P1 C2E G . -19.23 15.24 -0.68
O2P C2E G . -19.25 16.27 0.42
O1P C2E G . -20.45 15.15 -1.53
O5' C2E G . -18.92 13.80 -0.02
C5' C2E G . -17.76 13.60 0.77
C4' C2E G . -17.66 12.13 1.12
O4' C2E G . -18.79 11.63 1.84
C3' C2E G . -17.60 11.23 -0.11
O3' C2E G . -16.32 11.32 -0.75
C2' C2E G . -17.96 9.88 0.50
O2' C2E G . -16.82 9.26 1.10
C1' C2E G . -18.99 10.24 1.54
N9 C2E G . -20.34 9.93 0.98
C8 C2E G . -21.09 10.71 0.17
N7 C2E G . -22.25 10.07 -0.18
C5 C2E G . -22.25 8.86 0.40
C6 C2E G . -23.12 7.77 0.42
O6 C2E G . -24.18 7.84 -0.22
N1 C2E G . -22.80 6.66 1.15
C2 C2E G . -21.61 6.57 1.84
N2 C2E G . -21.30 5.44 2.55
N3 C2E G . -20.71 7.61 1.84
C4 C2E G . -20.97 8.76 1.15
P11 C2E G . -15.99 10.70 -2.18
O21 C2E G . -14.51 10.47 -2.16
O11 C2E G . -16.88 9.51 -2.46
O5A C2E G . -15.97 11.81 -3.35
C5A C2E G . -16.83 12.85 -3.71
C4A C2E G . -16.52 14.10 -2.90
O4A C2E G . -15.55 14.99 -3.47
C3A C2E G . -17.84 14.85 -2.86
O3A C2E G . -17.95 15.49 -1.60
C2A C2E G . -17.70 15.83 -4.00
O2A C2E G . -18.55 16.96 -3.90
C1A C2E G . -16.23 16.21 -3.84
N91 C2E G . -15.70 16.84 -5.09
C81 C2E G . -15.87 16.42 -6.35
N71 C2E G . -15.23 17.26 -7.19
C51 C2E G . -14.65 18.20 -6.44
C61 C2E G . -13.81 19.40 -6.74
O61 C2E G . -13.48 19.70 -7.88
N11 C2E G . -13.40 20.14 -5.70
C21 C2E G . -13.72 19.82 -4.42
N21 C2E G . -13.29 20.60 -3.42
N31 C2E G . -14.49 18.74 -4.13
C41 C2E G . -14.95 17.94 -5.11
MG MG H . -16.86 8.18 -3.92
MG MG I . -13.25 9.94 -3.38
#